data_2Q5G
#
_entry.id   2Q5G
#
_cell.length_a   112.577
_cell.length_b   65.603
_cell.length_c   101.149
_cell.angle_alpha   90.00
_cell.angle_beta   124.05
_cell.angle_gamma   90.00
#
_symmetry.space_group_name_H-M   'C 1 2 1'
#
loop_
_entity.id
_entity.type
_entity.pdbx_description
1 polymer 'Peroxisome proliferator-activated receptor delta'
2 non-polymer '[(7-{[2-(3-MORPHOLIN-4-YLPROP-1-YN-1-YL)-6-{[4-(TRIFLUOROMETHYL)PHENYL]ETHYNYL}PYRIDIN-4-YL]THIO}-2,3-DIHYDRO-1H-INDEN- 4-YL)OXY]ACETIC ACID'
#
_entity_poly.entity_id   1
_entity_poly.type   'polypeptide(L)'
_entity_poly.pdbx_seq_one_letter_code
;HHHHHHGSQYNPQVADLKAFSKHIYNAYLKNFNMTKKKARSILTGKASHTAPFVIHDIETLWQAEKGLVWKQLVNGLPPY
KEISVHVFYRCQCTTVETVRELTEFAKSIPSFSSLFLNDQVTLLKYGVHEAIFAMLASIVNKDGLLVANGSGFVTREFLR
SLRKPFSDIIEPKFEFAVKFNALELDDSDLALFIAAIILCGDRPGLMNVPRVEAIQDTILRALEFHLQANHPDAQYLFPK
LLQKMADLRQLVTEHAQMMQRIKKTETETSLHPLLQEIYKDMY
;
_entity_poly.pdbx_strand_id   A,B
#
loop_
_chem_comp.id
_chem_comp.type
_chem_comp.name
_chem_comp.formula
1FA non-polymer '[(7-{[2-(3-MORPHOLIN-4-YLPROP-1-YN-1-YL)-6-{[4-(TRIFLUOROMETHYL)PHENYL]ETHYNYL}PYRIDIN-4-YL]THIO}-2,3-DIHYDRO-1H-INDEN- 4-YL)OXY]ACETIC ACID' 'C32 H27 F3 N2 O4 S'
#
# COMPACT_ATOMS: atom_id res chain seq x y z
N ASP A 16 -25.98 -12.86 10.62
CA ASP A 16 -25.79 -12.12 9.35
C ASP A 16 -25.18 -10.72 9.58
N LEU A 17 -26.03 -9.68 9.53
CA LEU A 17 -25.60 -8.29 9.70
C LEU A 17 -25.20 -7.93 11.14
N LYS A 18 -25.79 -8.62 12.12
CA LYS A 18 -25.33 -8.48 13.51
C LYS A 18 -23.93 -9.08 13.70
N ALA A 19 -23.64 -10.14 12.95
CA ALA A 19 -22.38 -10.87 13.05
C ALA A 19 -21.26 -10.21 12.24
N PHE A 20 -21.64 -9.50 11.20
CA PHE A 20 -20.70 -8.74 10.38
C PHE A 20 -20.19 -7.50 11.13
N SER A 21 -21.12 -6.78 11.78
CA SER A 21 -20.85 -5.66 12.67
C SER A 21 -19.85 -6.08 13.76
N LYS A 22 -20.04 -7.29 14.25
CA LYS A 22 -19.25 -7.81 15.34
C LYS A 22 -17.86 -8.21 14.85
N HIS A 23 -17.78 -8.77 13.63
CA HIS A 23 -16.49 -9.18 13.07
C HIS A 23 -15.59 -7.94 12.95
N ILE A 24 -16.17 -6.85 12.45
CA ILE A 24 -15.42 -5.64 12.23
C ILE A 24 -15.10 -4.91 13.52
N TYR A 25 -15.99 -5.07 14.49
CA TYR A 25 -15.75 -4.56 15.82
C TYR A 25 -14.50 -5.24 16.40
N ASN A 26 -14.29 -6.52 16.10
CA ASN A 26 -13.10 -7.24 16.57
C ASN A 26 -11.79 -6.81 15.92
N ALA A 27 -11.81 -6.61 14.60
CA ALA A 27 -10.59 -6.19 13.90
C ALA A 27 -10.17 -4.81 14.35
N TYR A 28 -11.15 -4.01 14.79
CA TYR A 28 -10.92 -2.68 15.34
C TYR A 28 -10.21 -2.80 16.67
N LEU A 29 -10.81 -3.53 17.60
CA LEU A 29 -10.28 -3.73 18.95
C LEU A 29 -8.90 -4.36 18.88
N LYS A 30 -8.70 -5.16 17.83
CA LYS A 30 -7.45 -5.88 17.66
C LYS A 30 -6.42 -5.02 16.94
N ASN A 31 -6.83 -3.92 16.35
CA ASN A 31 -5.87 -3.13 15.57
C ASN A 31 -5.58 -1.72 16.06
N PHE A 32 -6.42 -1.23 16.97
CA PHE A 32 -6.23 0.10 17.54
C PHE A 32 -6.03 0.01 19.03
N ASN A 33 -4.99 0.68 19.51
CA ASN A 33 -4.68 0.67 20.92
C ASN A 33 -5.54 1.60 21.72
N MET A 34 -5.71 2.81 21.21
CA MET A 34 -6.60 3.75 21.87
C MET A 34 -8.01 3.66 21.31
N THR A 35 -8.78 2.72 21.84
CA THR A 35 -10.23 2.73 21.66
C THR A 35 -10.82 4.01 22.30
N LYS A 36 -12.06 4.34 21.97
CA LYS A 36 -12.76 5.48 22.59
C LYS A 36 -13.06 5.21 24.04
N LYS A 37 -13.32 3.95 24.37
CA LYS A 37 -13.59 3.55 25.75
C LYS A 37 -12.37 3.86 26.61
N LYS A 38 -11.19 3.46 26.11
CA LYS A 38 -9.96 3.75 26.83
C LYS A 38 -9.79 5.25 26.95
N ALA A 39 -10.00 5.95 25.85
CA ALA A 39 -9.91 7.38 25.91
C ALA A 39 -10.77 7.94 27.05
N ARG A 40 -12.08 7.71 27.03
CA ARG A 40 -12.96 8.30 28.04
C ARG A 40 -12.62 7.85 29.48
N SER A 41 -12.23 6.60 29.61
CA SER A 41 -11.72 6.08 30.85
C SER A 41 -10.64 6.97 31.48
N ILE A 42 -9.62 7.34 30.70
CA ILE A 42 -8.56 8.26 31.16
C ILE A 42 -9.06 9.70 31.39
N LEU A 43 -9.87 10.24 30.48
CA LEU A 43 -10.26 11.64 30.56
C LEU A 43 -11.03 11.89 31.82
N THR A 44 -11.85 10.92 32.22
CA THR A 44 -12.68 11.00 33.42
C THR A 44 -11.97 10.34 34.59
N GLY A 45 -10.79 9.80 34.33
CA GLY A 45 -9.94 9.24 35.38
C GLY A 45 -10.45 8.00 36.10
N LYS A 46 -10.41 6.85 35.45
CA LYS A 46 -10.59 5.62 36.18
C LYS A 46 -9.21 5.15 36.66
N ALA A 47 -9.15 3.98 37.28
CA ALA A 47 -7.88 3.43 37.75
C ALA A 47 -7.30 2.38 36.79
N THR A 50 -3.42 6.06 34.94
CA THR A 50 -2.85 7.16 35.74
C THR A 50 -2.94 8.55 35.09
N ALA A 51 -3.22 9.56 35.93
CA ALA A 51 -3.72 10.87 35.49
C ALA A 51 -2.75 11.57 34.54
N PRO A 52 -3.29 12.10 33.43
CA PRO A 52 -2.39 12.56 32.38
C PRO A 52 -1.65 13.79 32.86
N PHE A 53 -0.42 13.96 32.40
CA PHE A 53 0.33 15.16 32.68
C PHE A 53 -0.27 16.31 31.85
N VAL A 54 -0.70 17.39 32.52
CA VAL A 54 -1.27 18.53 31.80
C VAL A 54 -0.18 19.40 31.15
N ILE A 55 -0.42 19.77 29.91
CA ILE A 55 0.40 20.76 29.24
C ILE A 55 -0.48 21.99 29.00
N HIS A 56 -0.21 23.09 29.72
CA HIS A 56 -0.98 24.33 29.57
C HIS A 56 -0.12 25.49 29.10
N ASP A 57 1.20 25.36 29.19
CA ASP A 57 2.09 26.44 28.77
C ASP A 57 3.41 25.93 28.26
N ILE A 58 4.32 26.86 27.98
CA ILE A 58 5.67 26.56 27.48
C ILE A 58 6.46 25.69 28.44
N GLU A 59 6.43 26.06 29.73
CA GLU A 59 7.13 25.31 30.77
C GLU A 59 6.79 23.82 30.71
N THR A 60 5.50 23.51 30.64
CA THR A 60 5.00 22.13 30.72
C THR A 60 5.17 21.37 29.42
N LEU A 61 5.06 22.09 28.32
CA LEU A 61 5.38 21.52 27.03
C LEU A 61 6.85 21.10 27.04
N TRP A 62 7.73 22.01 27.49
CA TRP A 62 9.17 21.75 27.62
C TRP A 62 9.48 20.53 28.50
N GLN A 63 8.86 20.49 29.67
CA GLN A 63 8.94 19.32 30.57
C GLN A 63 8.53 18.02 29.86
N ALA A 64 7.39 18.05 29.16
CA ALA A 64 6.91 16.89 28.39
C ALA A 64 7.84 16.42 27.26
N GLU A 65 8.63 17.34 26.70
CA GLU A 65 9.72 16.99 25.74
C GLU A 65 11.09 16.70 26.38
N LYS A 66 11.53 17.54 27.33
CA LYS A 66 12.84 17.41 28.04
C LYS A 66 12.87 16.32 29.11
N GLY A 67 11.87 16.37 30.00
CA GLY A 67 11.81 15.49 31.17
C GLY A 67 11.00 16.18 32.25
N LEU A 68 10.27 15.40 33.04
CA LEU A 68 9.46 16.01 34.09
C LEU A 68 10.27 16.47 35.29
N VAL A 69 11.46 15.87 35.45
CA VAL A 69 12.35 16.11 36.58
C VAL A 69 13.71 16.61 36.06
N TRP A 70 14.21 15.98 34.99
CA TRP A 70 15.41 16.47 34.27
C TRP A 70 15.12 16.78 32.77
N GLU A 82 11.43 27.19 17.19
CA GLU A 82 10.09 27.76 17.30
C GLU A 82 9.11 26.83 18.01
N ILE A 83 8.05 27.39 18.60
CA ILE A 83 7.08 26.61 19.40
C ILE A 83 5.91 26.07 18.56
N SER A 84 5.45 26.88 17.60
CA SER A 84 4.50 26.44 16.58
C SER A 84 5.04 25.24 15.82
N VAL A 85 6.33 25.28 15.49
CA VAL A 85 7.00 24.19 14.76
C VAL A 85 7.11 22.85 15.52
N HIS A 86 6.89 22.87 16.84
CA HIS A 86 7.03 21.66 17.65
C HIS A 86 5.72 20.95 17.97
N VAL A 87 4.68 21.75 18.21
CA VAL A 87 3.34 21.25 18.41
C VAL A 87 2.91 20.52 17.14
N PHE A 88 3.21 21.12 15.99
CA PHE A 88 2.88 20.56 14.67
C PHE A 88 3.64 19.32 14.25
N TYR A 89 4.93 19.26 14.58
CA TYR A 89 5.74 18.05 14.43
C TYR A 89 5.10 16.90 15.22
N ARG A 90 4.61 17.23 16.41
CA ARG A 90 4.02 16.24 17.30
C ARG A 90 2.66 15.74 16.80
N CYS A 91 1.96 16.57 16.05
CA CYS A 91 0.74 16.17 15.40
C CYS A 91 1.04 15.24 14.25
N GLN A 92 2.24 15.34 13.69
CA GLN A 92 2.57 14.54 12.52
C GLN A 92 3.10 13.19 12.97
N CYS A 93 3.89 13.17 14.04
CA CYS A 93 4.27 11.90 14.61
C CYS A 93 3.11 10.92 14.85
N THR A 94 1.98 11.41 15.41
CA THR A 94 0.88 10.53 15.84
C THR A 94 0.44 9.64 14.69
N THR A 95 0.12 10.32 13.60
CA THR A 95 -0.13 9.78 12.26
C THR A 95 0.64 8.52 11.82
N VAL A 96 1.95 8.47 12.05
CA VAL A 96 2.77 7.31 11.66
C VAL A 96 2.18 6.03 12.25
N GLU A 97 1.93 6.00 13.56
CA GLU A 97 1.30 4.83 14.12
C GLU A 97 -0.16 4.67 13.66
N THR A 98 -0.92 5.77 13.61
CA THR A 98 -2.33 5.70 13.20
C THR A 98 -2.50 5.05 11.83
N VAL A 99 -1.68 5.47 10.86
CA VAL A 99 -1.80 4.91 9.52
C VAL A 99 -1.52 3.42 9.57
N ARG A 100 -0.46 3.03 10.30
CA ARG A 100 -0.12 1.62 10.46
C ARG A 100 -1.30 0.85 11.04
N GLU A 101 -1.99 1.47 12.00
CA GLU A 101 -3.16 0.83 12.59
C GLU A 101 -4.30 0.62 11.59
N LEU A 102 -4.60 1.67 10.83
CA LEU A 102 -5.58 1.66 9.75
C LEU A 102 -5.30 0.63 8.66
N THR A 103 -4.09 0.66 8.10
CA THR A 103 -3.66 -0.33 7.14
C THR A 103 -3.91 -1.75 7.63
N GLU A 104 -3.57 -2.02 8.89
CA GLU A 104 -3.84 -3.34 9.44
C GLU A 104 -5.35 -3.50 9.61
N PHE A 105 -6.00 -2.51 10.19
CA PHE A 105 -7.45 -2.62 10.42
C PHE A 105 -8.07 -3.00 9.11
N ALA A 106 -7.56 -2.36 8.05
CA ALA A 106 -8.08 -2.41 6.69
C ALA A 106 -7.91 -3.80 6.13
N LYS A 107 -6.65 -4.23 6.19
CA LYS A 107 -6.21 -5.51 5.66
C LYS A 107 -6.91 -6.64 6.39
N SER A 108 -7.34 -6.38 7.62
CA SER A 108 -8.08 -7.35 8.43
C SER A 108 -9.58 -7.44 8.08
N ILE A 109 -10.07 -6.57 7.20
CA ILE A 109 -11.40 -6.79 6.62
C ILE A 109 -11.17 -7.68 5.42
N PRO A 110 -11.77 -8.89 5.39
CA PRO A 110 -11.36 -9.81 4.31
C PRO A 110 -11.63 -9.24 2.91
N SER A 111 -12.82 -8.65 2.69
CA SER A 111 -13.12 -8.05 1.39
C SER A 111 -12.00 -7.11 0.92
N PHE A 112 -11.49 -6.27 1.82
CA PHE A 112 -10.44 -5.34 1.45
C PHE A 112 -9.24 -6.09 0.90
N SER A 113 -8.87 -7.19 1.56
CA SER A 113 -7.69 -7.97 1.16
C SER A 113 -7.85 -8.69 -0.16
N SER A 114 -9.09 -9.00 -0.52
CA SER A 114 -9.38 -9.62 -1.81
C SER A 114 -9.30 -8.62 -2.98
N LEU A 115 -9.06 -7.33 -2.69
CA LEU A 115 -8.89 -6.31 -3.75
C LEU A 115 -7.47 -6.23 -4.31
N PHE A 116 -7.36 -5.71 -5.51
CA PHE A 116 -6.11 -5.64 -6.24
C PHE A 116 -5.24 -4.53 -5.66
N LEU A 117 -3.94 -4.73 -5.67
CA LEU A 117 -3.00 -3.78 -5.07
C LEU A 117 -3.30 -2.31 -5.38
N ASN A 118 -3.46 -1.98 -6.66
CA ASN A 118 -3.80 -0.61 -7.06
C ASN A 118 -5.01 -0.07 -6.31
N ASP A 119 -6.05 -0.90 -6.13
CA ASP A 119 -7.27 -0.43 -5.43
C ASP A 119 -7.00 -0.21 -3.95
N GLN A 120 -6.38 -1.17 -3.28
CA GLN A 120 -5.97 -1.02 -1.90
C GLN A 120 -5.11 0.25 -1.57
N VAL A 121 -4.15 0.59 -2.44
CA VAL A 121 -3.32 1.77 -2.28
C VAL A 121 -4.19 3.02 -2.40
N THR A 122 -5.03 3.05 -3.44
CA THR A 122 -5.89 4.22 -3.70
C THR A 122 -6.80 4.44 -2.54
N LEU A 123 -7.41 3.36 -2.01
CA LEU A 123 -8.38 3.43 -0.92
C LEU A 123 -7.76 3.94 0.38
N LEU A 124 -6.57 3.48 0.73
CA LEU A 124 -5.94 3.96 1.94
C LEU A 124 -5.42 5.40 1.82
N LYS A 125 -4.81 5.70 0.68
CA LYS A 125 -4.23 6.99 0.39
C LYS A 125 -5.24 8.14 0.44
N TYR A 126 -6.48 7.89 0.04
CA TYR A 126 -7.54 8.91 0.10
C TYR A 126 -8.38 8.80 1.37
N GLY A 127 -8.40 7.64 1.97
CA GLY A 127 -9.19 7.48 3.16
C GLY A 127 -8.49 7.92 4.42
N VAL A 128 -7.16 7.77 4.50
CA VAL A 128 -6.52 7.81 5.83
C VAL A 128 -6.72 9.11 6.56
N HIS A 129 -6.80 10.18 5.79
CA HIS A 129 -6.86 11.50 6.37
C HIS A 129 -8.17 11.74 7.05
N GLU A 130 -9.25 11.30 6.42
CA GLU A 130 -10.58 11.40 7.00
C GLU A 130 -10.67 10.54 8.24
N ALA A 131 -10.08 9.37 8.19
CA ALA A 131 -10.15 8.46 9.29
C ALA A 131 -9.34 8.99 10.47
N ILE A 132 -8.16 9.53 10.18
CA ILE A 132 -7.24 10.02 11.20
C ILE A 132 -7.92 11.10 12.02
N PHE A 133 -8.71 11.94 11.35
CA PHE A 133 -9.54 12.94 12.00
C PHE A 133 -10.80 12.37 12.66
N ALA A 134 -11.43 11.38 12.04
CA ALA A 134 -12.61 10.81 12.67
C ALA A 134 -12.24 10.24 14.05
N MET A 135 -11.08 9.60 14.10
CA MET A 135 -10.61 8.94 15.30
C MET A 135 -10.14 9.93 16.35
N LEU A 136 -9.53 11.03 15.90
CA LEU A 136 -9.10 12.13 16.79
C LEU A 136 -10.21 12.57 17.75
N ALA A 137 -11.44 12.66 17.27
CA ALA A 137 -12.57 12.93 18.15
C ALA A 137 -12.56 12.08 19.45
N SER A 138 -12.25 10.79 19.35
CA SER A 138 -12.11 9.91 20.53
C SER A 138 -11.28 10.46 21.68
N ILE A 139 -10.16 11.10 21.38
CA ILE A 139 -9.24 11.58 22.43
C ILE A 139 -9.40 13.06 22.77
N VAL A 140 -10.42 13.70 22.20
CA VAL A 140 -10.65 15.14 22.33
C VAL A 140 -11.87 15.41 23.19
N ASN A 141 -11.81 16.43 24.04
CA ASN A 141 -13.02 16.96 24.69
C ASN A 141 -13.04 18.48 24.50
N LYS A 142 -13.96 19.19 25.17
CA LYS A 142 -14.02 20.66 25.06
C LYS A 142 -12.73 21.38 25.54
N ASP A 143 -12.06 20.79 26.52
CA ASP A 143 -10.92 21.42 27.23
C ASP A 143 -9.54 21.05 26.65
N GLY A 144 -9.48 20.02 25.81
CA GLY A 144 -8.22 19.66 25.20
C GLY A 144 -8.20 18.29 24.59
N LEU A 145 -6.99 17.72 24.44
CA LEU A 145 -6.83 16.44 23.78
C LEU A 145 -5.72 15.63 24.43
N LEU A 146 -5.92 14.32 24.47
CA LEU A 146 -4.97 13.40 25.05
C LEU A 146 -3.79 13.25 24.12
N VAL A 147 -2.60 13.12 24.68
CA VAL A 147 -1.38 12.95 23.89
C VAL A 147 -0.50 11.89 24.54
N ALA A 148 0.58 11.49 23.85
CA ALA A 148 1.54 10.49 24.32
C ALA A 148 0.87 9.22 24.84
N ASN A 149 0.44 8.39 23.90
CA ASN A 149 -0.59 7.36 24.15
C ASN A 149 -1.25 7.45 25.52
N GLY A 150 -1.96 8.55 25.81
CA GLY A 150 -2.75 8.63 27.02
C GLY A 150 -2.13 9.29 28.24
N SER A 151 -0.82 9.52 28.20
CA SER A 151 -0.10 10.01 29.37
C SER A 151 -0.01 11.55 29.47
N GLY A 152 -0.40 12.25 28.42
CA GLY A 152 -0.41 13.70 28.47
C GLY A 152 -1.74 14.27 28.02
N PHE A 153 -2.04 15.49 28.45
CA PHE A 153 -3.28 16.15 28.06
C PHE A 153 -2.93 17.57 27.78
N VAL A 154 -2.85 17.88 26.49
CA VAL A 154 -2.57 19.22 26.07
C VAL A 154 -3.91 19.95 26.06
N THR A 155 -3.92 21.20 26.53
CA THR A 155 -5.20 21.92 26.75
C THR A 155 -5.55 22.70 25.51
N ARG A 156 -6.84 22.89 25.31
CA ARG A 156 -7.33 23.55 24.10
C ARG A 156 -6.87 24.99 24.05
N GLU A 157 -6.94 25.68 25.18
CA GLU A 157 -6.53 27.08 25.18
C GLU A 157 -5.01 27.26 25.09
N PHE A 158 -4.21 26.29 25.55
CA PHE A 158 -2.78 26.38 25.21
C PHE A 158 -2.59 26.28 23.69
N LEU A 159 -3.30 25.35 23.06
CA LEU A 159 -3.26 25.21 21.62
C LEU A 159 -3.78 26.43 20.85
N ARG A 160 -4.73 27.16 21.42
CA ARG A 160 -5.25 28.40 20.81
C ARG A 160 -4.27 29.57 20.95
N SER A 161 -3.32 29.47 21.88
CA SER A 161 -2.39 30.58 22.17
C SER A 161 -1.21 30.65 21.20
N LEU A 162 -1.18 29.69 20.27
CA LEU A 162 -0.15 29.63 19.26
C LEU A 162 -0.40 30.65 18.17
N ARG A 163 0.68 31.03 17.50
CA ARG A 163 0.64 32.00 16.43
C ARG A 163 -0.11 31.40 15.24
N LYS A 164 -0.80 32.28 14.52
CA LYS A 164 -1.39 31.98 13.23
C LYS A 164 -0.28 31.84 12.17
N PRO A 165 -0.56 31.08 11.09
CA PRO A 165 -1.77 30.28 10.92
C PRO A 165 -1.57 28.85 11.38
N PHE A 166 -0.95 28.65 12.53
CA PHE A 166 -0.82 27.33 13.11
C PHE A 166 -2.06 26.97 13.92
N SER A 167 -2.58 27.94 14.68
CA SER A 167 -3.81 27.73 15.45
C SER A 167 -5.04 27.82 14.56
N ASP A 168 -4.89 28.47 13.40
CA ASP A 168 -5.93 28.50 12.38
C ASP A 168 -6.23 27.07 11.95
N ILE A 169 -5.21 26.22 12.00
CA ILE A 169 -5.35 24.89 11.46
C ILE A 169 -5.70 23.84 12.50
N ILE A 170 -5.39 24.06 13.76
CA ILE A 170 -5.88 23.10 14.75
C ILE A 170 -7.34 23.32 15.18
N GLU A 171 -7.85 24.55 15.16
CA GLU A 171 -9.20 24.79 15.70
C GLU A 171 -10.33 23.99 15.02
N PRO A 172 -10.38 23.97 13.66
CA PRO A 172 -11.51 23.34 12.97
C PRO A 172 -11.65 21.84 13.24
N LYS A 173 -10.62 21.26 13.86
CA LYS A 173 -10.62 19.84 14.22
C LYS A 173 -11.27 19.71 15.60
N PHE A 174 -10.90 20.58 16.52
CA PHE A 174 -11.64 20.68 17.79
C PHE A 174 -13.12 20.94 17.57
N GLU A 175 -13.47 21.86 16.67
CA GLU A 175 -14.88 22.14 16.42
C GLU A 175 -15.61 20.95 15.82
N PHE A 176 -14.92 20.18 14.97
CA PHE A 176 -15.58 19.03 14.36
C PHE A 176 -15.79 17.93 15.40
N ALA A 177 -14.80 17.76 16.26
CA ALA A 177 -14.81 16.64 17.20
C ALA A 177 -15.84 16.80 18.31
N VAL A 178 -15.99 18.03 18.80
CA VAL A 178 -16.99 18.34 19.80
C VAL A 178 -18.40 18.07 19.25
N LYS A 179 -18.65 18.56 18.02
CA LYS A 179 -19.86 18.23 17.28
C LYS A 179 -19.97 16.70 17.16
N PHE A 180 -18.92 16.08 16.62
CA PHE A 180 -18.91 14.63 16.41
C PHE A 180 -19.21 13.84 17.68
N ASN A 181 -18.53 14.18 18.76
CA ASN A 181 -18.69 13.53 20.04
C ASN A 181 -20.11 13.65 20.66
N ALA A 182 -20.83 14.71 20.32
CA ALA A 182 -22.18 14.91 20.83
C ALA A 182 -23.13 13.81 20.35
N LEU A 183 -22.75 13.13 19.26
CA LEU A 183 -23.54 12.03 18.67
C LEU A 183 -23.53 10.71 19.47
N GLU A 184 -22.79 10.68 20.58
CA GLU A 184 -22.75 9.53 21.49
C GLU A 184 -22.26 8.21 20.82
N LEU A 185 -21.39 8.29 19.83
CA LEU A 185 -20.90 7.07 19.17
C LEU A 185 -19.97 6.31 20.07
N ASP A 186 -20.03 4.98 19.99
CA ASP A 186 -19.13 4.13 20.75
C ASP A 186 -18.20 3.35 19.81
N ASP A 187 -17.23 2.65 20.39
CA ASP A 187 -16.26 1.94 19.57
C ASP A 187 -16.89 1.09 18.49
N SER A 188 -17.92 0.32 18.83
CA SER A 188 -18.57 -0.57 17.87
C SER A 188 -19.23 0.20 16.72
N ASP A 189 -19.83 1.35 17.00
CA ASP A 189 -20.25 2.27 15.95
C ASP A 189 -19.05 2.78 15.16
N LEU A 190 -18.02 3.25 15.86
CA LEU A 190 -16.84 3.78 15.17
C LEU A 190 -16.16 2.77 14.23
N ALA A 191 -16.00 1.52 14.68
CA ALA A 191 -15.41 0.45 13.86
C ALA A 191 -16.01 0.39 12.48
N LEU A 192 -17.36 0.33 12.40
CA LEU A 192 -18.07 0.29 11.10
C LEU A 192 -17.79 1.57 10.33
N PHE A 193 -17.90 2.69 11.07
CA PHE A 193 -17.72 4.02 10.52
C PHE A 193 -16.36 4.15 9.84
N ILE A 194 -15.29 3.71 10.48
CA ILE A 194 -13.97 3.75 9.85
C ILE A 194 -13.94 2.79 8.62
N ALA A 195 -14.49 1.60 8.78
CA ALA A 195 -14.64 0.70 7.64
C ALA A 195 -15.32 1.43 6.46
N ALA A 196 -16.36 2.20 6.75
CA ALA A 196 -17.06 2.94 5.71
C ALA A 196 -16.23 4.06 5.06
N ILE A 197 -15.38 4.73 5.83
CA ILE A 197 -14.53 5.78 5.27
C ILE A 197 -13.48 5.25 4.31
N ILE A 198 -12.95 4.06 4.58
CA ILE A 198 -11.88 3.51 3.76
C ILE A 198 -12.45 2.91 2.48
N LEU A 199 -13.50 2.11 2.66
CA LEU A 199 -14.07 1.33 1.56
C LEU A 199 -15.12 2.16 0.88
N CYS A 200 -14.64 3.03 0.01
CA CYS A 200 -15.43 4.12 -0.48
C CYS A 200 -15.30 4.18 -1.97
N GLY A 201 -16.42 4.06 -2.68
CA GLY A 201 -16.37 3.98 -4.15
C GLY A 201 -16.12 5.23 -5.00
N ASP A 202 -15.96 6.40 -4.38
CA ASP A 202 -15.74 7.64 -5.13
C ASP A 202 -14.28 7.99 -5.35
N ARG A 203 -13.36 7.28 -4.72
CA ARG A 203 -11.96 7.68 -4.72
C ARG A 203 -11.41 7.75 -6.15
N PRO A 204 -10.64 8.82 -6.48
CA PRO A 204 -10.12 8.98 -7.82
C PRO A 204 -9.23 7.81 -8.23
N GLY A 205 -9.32 7.35 -9.47
CA GLY A 205 -8.37 6.36 -9.99
C GLY A 205 -8.53 4.92 -9.51
N LEU A 206 -9.67 4.58 -8.95
CA LEU A 206 -9.96 3.19 -8.60
C LEU A 206 -10.10 2.39 -9.88
N MET A 207 -9.61 1.16 -9.89
CA MET A 207 -9.85 0.28 -11.02
C MET A 207 -11.21 -0.38 -10.86
N ASN A 208 -11.41 -1.12 -9.77
CA ASN A 208 -12.64 -1.87 -9.66
C ASN A 208 -13.79 -1.20 -8.91
N VAL A 209 -14.25 -0.07 -9.43
CA VAL A 209 -15.30 0.72 -8.80
C VAL A 209 -16.51 -0.07 -8.30
N PRO A 210 -17.13 -0.93 -9.15
CA PRO A 210 -18.32 -1.66 -8.69
C PRO A 210 -18.08 -2.62 -7.52
N ARG A 211 -16.93 -3.28 -7.48
CA ARG A 211 -16.59 -4.09 -6.31
C ARG A 211 -16.49 -3.26 -5.01
N VAL A 212 -15.80 -2.13 -5.04
CA VAL A 212 -15.73 -1.28 -3.85
C VAL A 212 -17.12 -0.76 -3.42
N GLU A 213 -17.93 -0.36 -4.40
CA GLU A 213 -19.29 0.12 -4.17
C GLU A 213 -20.20 -0.92 -3.55
N ALA A 214 -20.04 -2.18 -3.96
CA ALA A 214 -20.75 -3.30 -3.31
C ALA A 214 -20.34 -3.53 -1.83
N ILE A 215 -19.04 -3.52 -1.55
CA ILE A 215 -18.58 -3.79 -0.18
C ILE A 215 -19.06 -2.70 0.77
N GLN A 216 -18.91 -1.44 0.36
CA GLN A 216 -19.34 -0.34 1.21
C GLN A 216 -20.82 -0.49 1.49
N ASP A 217 -21.60 -0.60 0.43
CA ASP A 217 -23.01 -0.91 0.51
C ASP A 217 -23.36 -1.84 1.66
N THR A 218 -22.56 -2.91 1.82
CA THR A 218 -22.70 -3.84 2.92
C THR A 218 -22.29 -3.21 4.24
N ILE A 219 -21.12 -2.57 4.26
CA ILE A 219 -20.61 -1.91 5.45
C ILE A 219 -21.62 -0.84 5.88
N LEU A 220 -22.21 -0.18 4.88
CA LEU A 220 -23.32 0.74 5.16
C LEU A 220 -24.61 0.07 5.65
N ARG A 221 -25.09 -0.97 4.97
CA ARG A 221 -26.28 -1.71 5.43
C ARG A 221 -26.08 -1.94 6.92
N ALA A 222 -24.97 -2.57 7.27
CA ALA A 222 -24.68 -2.98 8.65
C ALA A 222 -24.48 -1.83 9.65
N LEU A 223 -23.83 -0.75 9.22
CA LEU A 223 -23.76 0.45 10.07
C LEU A 223 -25.15 0.85 10.48
N GLU A 224 -26.08 0.82 9.53
CA GLU A 224 -27.44 1.25 9.80
C GLU A 224 -28.18 0.33 10.76
N PHE A 225 -28.01 -0.97 10.56
CA PHE A 225 -28.55 -2.00 11.43
C PHE A 225 -28.04 -1.70 12.82
N HIS A 226 -26.71 -1.69 12.94
CA HIS A 226 -26.06 -1.47 14.21
C HIS A 226 -26.58 -0.28 14.99
N LEU A 227 -26.62 0.88 14.34
CA LEU A 227 -27.11 2.11 14.96
C LEU A 227 -28.56 2.02 15.43
N GLN A 228 -29.43 1.39 14.65
CA GLN A 228 -30.82 1.38 15.04
C GLN A 228 -31.10 0.31 16.07
N ALA A 229 -30.12 -0.55 16.35
CA ALA A 229 -30.19 -1.49 17.51
C ALA A 229 -29.51 -0.91 18.73
N ASN A 230 -28.37 -0.25 18.52
CA ASN A 230 -27.52 0.25 19.60
C ASN A 230 -27.82 1.73 19.96
N HIS A 231 -28.70 2.39 19.20
CA HIS A 231 -29.11 3.77 19.52
C HIS A 231 -30.60 3.90 19.21
N PRO A 232 -31.43 3.09 19.90
CA PRO A 232 -32.80 2.76 19.50
C PRO A 232 -33.67 3.98 19.29
N ASP A 233 -33.35 5.05 20.00
CA ASP A 233 -34.13 6.27 19.92
C ASP A 233 -33.46 7.41 19.18
N ALA A 234 -32.17 7.25 18.85
CA ALA A 234 -31.51 8.16 17.90
C ALA A 234 -31.87 7.65 16.49
N GLN A 235 -32.78 8.36 15.87
CA GLN A 235 -33.54 7.85 14.74
C GLN A 235 -33.05 8.50 13.43
N TYR A 236 -32.34 9.62 13.56
CA TYR A 236 -31.72 10.23 12.39
C TYR A 236 -30.18 10.19 12.44
N LEU A 237 -29.65 9.32 13.28
CA LEU A 237 -28.20 9.16 13.48
C LEU A 237 -27.47 8.72 12.21
N PHE A 238 -27.98 7.70 11.54
CA PHE A 238 -27.35 7.23 10.29
C PHE A 238 -27.24 8.37 9.23
N PRO A 239 -28.40 8.96 8.83
CA PRO A 239 -28.21 10.09 7.90
C PRO A 239 -27.34 11.22 8.50
N LYS A 240 -27.34 11.40 9.83
CA LYS A 240 -26.38 12.30 10.48
C LYS A 240 -24.92 11.85 10.22
N LEU A 241 -24.63 10.57 10.47
CA LEU A 241 -23.30 10.04 10.21
C LEU A 241 -22.86 10.19 8.78
N LEU A 242 -23.78 9.96 7.83
CA LEU A 242 -23.41 10.19 6.45
C LEU A 242 -22.98 11.63 6.24
N GLN A 243 -23.57 12.57 6.95
CA GLN A 243 -23.18 13.94 6.75
C GLN A 243 -21.78 14.12 7.26
N LYS A 244 -21.47 13.44 8.36
CA LYS A 244 -20.15 13.54 8.96
C LYS A 244 -19.04 13.12 7.99
N MET A 245 -19.34 12.17 7.09
CA MET A 245 -18.36 11.68 6.13
C MET A 245 -18.11 12.76 5.12
N ALA A 246 -19.18 13.33 4.57
CA ALA A 246 -19.06 14.49 3.66
C ALA A 246 -18.31 15.64 4.35
N ASP A 247 -18.63 15.87 5.62
CA ASP A 247 -18.00 16.91 6.42
C ASP A 247 -16.52 16.68 6.58
N LEU A 248 -16.12 15.44 6.88
CA LEU A 248 -14.71 15.05 7.00
C LEU A 248 -13.95 15.32 5.72
N ARG A 249 -14.57 15.00 4.59
CA ARG A 249 -13.93 15.22 3.31
C ARG A 249 -13.48 16.68 3.21
N GLN A 250 -14.46 17.59 3.25
CA GLN A 250 -14.25 19.03 3.26
C GLN A 250 -13.17 19.46 4.27
N LEU A 251 -13.21 18.93 5.49
CA LEU A 251 -12.16 19.15 6.49
C LEU A 251 -10.71 18.76 6.01
N VAL A 252 -10.55 17.66 5.26
CA VAL A 252 -9.23 17.35 4.69
C VAL A 252 -8.81 18.33 3.58
N THR A 253 -9.74 18.58 2.65
CA THR A 253 -9.53 19.55 1.59
C THR A 253 -8.91 20.83 2.17
N GLU A 254 -9.58 21.39 3.18
CA GLU A 254 -9.13 22.63 3.80
C GLU A 254 -7.85 22.43 4.55
N HIS A 255 -7.62 21.25 5.10
CA HIS A 255 -6.40 21.01 5.82
C HIS A 255 -5.20 21.02 4.85
N ALA A 256 -5.36 20.35 3.71
CA ALA A 256 -4.36 20.36 2.64
C ALA A 256 -4.04 21.79 2.24
N GLN A 257 -5.08 22.58 1.97
CA GLN A 257 -5.00 24.00 1.60
C GLN A 257 -4.31 24.90 2.63
N MET A 258 -4.47 24.56 3.92
CA MET A 258 -3.90 25.39 4.98
C MET A 258 -2.45 25.05 5.16
N MET A 259 -2.10 23.80 4.90
CA MET A 259 -0.74 23.33 5.07
C MET A 259 0.16 23.85 3.95
N GLN A 260 -0.47 24.06 2.79
CA GLN A 260 0.16 24.68 1.64
C GLN A 260 0.66 26.05 2.04
N ARG A 261 -0.27 26.91 2.46
CA ARG A 261 0.06 28.28 2.86
C ARG A 261 0.90 28.39 4.15
N ILE A 262 1.47 27.28 4.61
CA ILE A 262 2.26 27.27 5.84
C ILE A 262 3.73 26.98 5.55
N LYS A 263 4.00 25.81 4.99
CA LYS A 263 5.35 25.47 4.52
C LYS A 263 5.53 25.99 3.08
N LYS A 264 5.62 27.33 2.95
CA LYS A 264 5.80 28.03 1.68
C LYS A 264 6.45 29.38 1.94
N PRO A 273 7.22 -0.58 6.70
CA PRO A 273 7.55 -2.01 6.77
C PRO A 273 7.17 -2.81 5.50
N LEU A 274 6.01 -3.46 5.50
CA LEU A 274 5.51 -4.21 4.33
C LEU A 274 5.23 -3.27 3.13
N LEU A 275 5.28 -3.84 1.93
CA LEU A 275 5.15 -3.14 0.65
C LEU A 275 4.15 -1.96 0.62
N GLN A 276 2.90 -2.22 0.97
CA GLN A 276 1.79 -1.32 0.72
C GLN A 276 1.71 -0.12 1.65
N GLU A 277 1.99 -0.37 2.93
CA GLU A 277 1.92 0.67 3.91
C GLU A 277 3.10 1.65 3.79
N ILE A 278 4.26 1.17 3.33
CA ILE A 278 5.37 2.07 2.97
C ILE A 278 4.92 3.01 1.83
N TYR A 279 3.89 2.62 1.10
CA TYR A 279 3.34 3.49 0.07
C TYR A 279 2.34 4.56 0.55
N LYS A 280 1.51 4.26 1.55
CA LYS A 280 0.50 5.21 2.03
C LYS A 280 1.08 6.21 3.01
N ALA B 15 2.48 -7.25 -42.44
CA ALA B 15 2.25 -5.95 -41.73
C ALA B 15 1.80 -6.20 -40.27
N ASP B 16 0.90 -7.17 -40.11
CA ASP B 16 0.29 -7.54 -38.84
C ASP B 16 1.32 -7.66 -37.70
N LEU B 17 2.17 -8.67 -37.78
CA LEU B 17 2.90 -9.13 -36.62
C LEU B 17 4.12 -8.30 -36.27
N LYS B 18 4.72 -7.65 -37.26
CA LYS B 18 5.82 -6.74 -37.01
C LYS B 18 5.31 -5.44 -36.33
N ALA B 19 4.11 -5.00 -36.70
CA ALA B 19 3.50 -3.82 -36.06
C ALA B 19 3.07 -4.12 -34.63
N PHE B 20 2.38 -5.25 -34.42
CA PHE B 20 1.98 -5.73 -33.10
C PHE B 20 3.16 -5.83 -32.11
N SER B 21 4.27 -6.40 -32.59
CA SER B 21 5.42 -6.58 -31.74
C SER B 21 6.08 -5.24 -31.43
N LYS B 22 6.09 -4.34 -32.42
CA LYS B 22 6.67 -3.03 -32.21
C LYS B 22 5.86 -2.26 -31.15
N HIS B 23 4.54 -2.35 -31.27
CA HIS B 23 3.64 -1.51 -30.47
C HIS B 23 3.65 -1.93 -29.02
N ILE B 24 3.63 -3.23 -28.78
CA ILE B 24 3.81 -3.76 -27.45
C ILE B 24 5.15 -3.28 -26.92
N TYR B 25 6.18 -3.36 -27.76
CA TYR B 25 7.52 -2.93 -27.34
C TYR B 25 7.56 -1.48 -26.93
N ASN B 26 6.96 -0.62 -27.74
CA ASN B 26 6.81 0.78 -27.33
C ASN B 26 6.14 0.98 -25.95
N ALA B 27 4.98 0.35 -25.74
CA ALA B 27 4.25 0.45 -24.46
C ALA B 27 5.08 0.01 -23.26
N TYR B 28 6.20 -0.62 -23.56
CA TYR B 28 7.06 -1.18 -22.58
C TYR B 28 8.08 -0.13 -22.20
N LEU B 29 8.71 0.46 -23.22
CA LEU B 29 9.66 1.53 -22.96
C LEU B 29 8.91 2.66 -22.30
N LYS B 30 7.64 2.81 -22.65
CA LYS B 30 6.83 3.87 -22.10
C LYS B 30 6.66 3.73 -20.58
N ASN B 31 6.38 2.51 -20.10
CA ASN B 31 5.98 2.28 -18.70
C ASN B 31 7.04 1.84 -17.71
N PHE B 32 8.25 1.55 -18.18
CA PHE B 32 9.29 0.95 -17.34
C PHE B 32 10.62 1.63 -17.59
N ASN B 33 11.01 2.47 -16.66
CA ASN B 33 12.21 3.30 -16.86
C ASN B 33 13.50 2.49 -16.95
N MET B 34 13.66 1.49 -16.09
CA MET B 34 14.88 0.67 -16.08
C MET B 34 14.78 -0.52 -17.06
N THR B 35 15.11 -0.28 -18.34
CA THR B 35 15.16 -1.34 -19.33
C THR B 35 16.39 -2.22 -19.09
N LYS B 36 16.34 -3.45 -19.61
CA LYS B 36 17.47 -4.36 -19.58
C LYS B 36 18.72 -3.79 -20.26
N LYS B 37 18.55 -3.11 -21.38
CA LYS B 37 19.69 -2.56 -22.12
C LYS B 37 20.45 -1.57 -21.23
N LYS B 38 19.73 -0.58 -20.69
CA LYS B 38 20.25 0.34 -19.68
C LYS B 38 20.94 -0.42 -18.55
N ALA B 39 20.40 -1.58 -18.19
CA ALA B 39 20.89 -2.35 -17.05
C ALA B 39 22.24 -2.99 -17.33
N ARG B 40 22.34 -3.69 -18.47
CA ARG B 40 23.57 -4.38 -18.83
C ARG B 40 24.69 -3.35 -18.99
N SER B 41 24.42 -2.27 -19.71
CA SER B 41 25.34 -1.13 -19.71
C SER B 41 25.97 -0.92 -18.33
N ILE B 42 25.11 -0.76 -17.32
CA ILE B 42 25.58 -0.39 -16.00
C ILE B 42 26.32 -1.57 -15.39
N LEU B 43 25.82 -2.77 -15.63
CA LEU B 43 26.44 -3.96 -15.05
C LEU B 43 27.74 -4.36 -15.77
N THR B 44 27.80 -4.15 -17.07
CA THR B 44 28.97 -4.57 -17.86
C THR B 44 30.02 -3.48 -17.98
N GLY B 45 29.55 -2.23 -18.14
CA GLY B 45 30.40 -1.05 -18.35
C GLY B 45 31.10 -0.68 -17.07
N ALA B 51 29.39 4.50 -11.85
CA ALA B 51 29.39 3.12 -11.34
C ALA B 51 28.55 2.96 -10.02
N PRO B 52 27.85 1.83 -9.83
CA PRO B 52 26.93 1.82 -8.67
C PRO B 52 27.64 1.54 -7.36
N PHE B 53 27.00 1.86 -6.23
CA PHE B 53 27.55 1.60 -4.92
C PHE B 53 27.27 0.16 -4.50
N VAL B 54 28.32 -0.63 -4.32
CA VAL B 54 28.19 -2.02 -3.91
C VAL B 54 27.71 -2.13 -2.46
N ILE B 55 26.69 -2.94 -2.20
CA ILE B 55 26.24 -3.19 -0.84
C ILE B 55 26.45 -4.68 -0.48
N HIS B 56 27.44 -4.95 0.36
CA HIS B 56 27.91 -6.34 0.53
C HIS B 56 27.95 -6.78 1.97
N ASP B 57 27.86 -5.83 2.89
CA ASP B 57 27.87 -6.08 4.34
C ASP B 57 27.06 -5.01 5.11
N ILE B 58 26.85 -5.26 6.40
CA ILE B 58 26.15 -4.37 7.33
C ILE B 58 26.60 -2.90 7.25
N GLU B 59 27.91 -2.65 7.35
CA GLU B 59 28.42 -1.30 7.20
C GLU B 59 27.97 -0.62 5.89
N THR B 60 28.16 -1.27 4.74
CA THR B 60 27.85 -0.61 3.48
C THR B 60 26.34 -0.45 3.35
N LEU B 61 25.60 -1.39 3.92
CA LEU B 61 24.14 -1.30 3.92
C LEU B 61 23.74 -0.02 4.61
N TRP B 62 24.26 0.16 5.82
CA TRP B 62 24.09 1.37 6.63
C TRP B 62 24.44 2.64 5.85
N GLN B 63 25.65 2.64 5.29
CA GLN B 63 26.11 3.76 4.50
C GLN B 63 25.21 4.06 3.30
N ALA B 64 24.63 3.03 2.68
CA ALA B 64 23.70 3.25 1.55
C ALA B 64 22.35 3.81 2.01
N GLU B 65 21.95 3.43 3.20
CA GLU B 65 20.66 3.82 3.73
C GLU B 65 20.71 5.09 4.61
N LYS B 66 21.68 5.18 5.53
CA LYS B 66 21.72 6.31 6.46
C LYS B 66 22.92 7.24 6.29
N GLY B 67 23.98 6.77 5.65
CA GLY B 67 25.17 7.58 5.47
C GLY B 67 26.33 7.00 6.25
N LEU B 68 27.29 7.84 6.61
CA LEU B 68 28.45 7.37 7.33
C LEU B 68 28.10 6.93 8.76
N VAL B 69 28.85 5.95 9.26
CA VAL B 69 28.71 5.41 10.62
C VAL B 69 29.54 6.30 11.58
N TRP B 70 28.94 7.39 12.05
CA TRP B 70 29.63 8.31 12.98
C TRP B 70 29.78 7.68 14.38
N GLU B 82 16.69 -5.82 13.69
CA GLU B 82 17.50 -6.89 13.08
C GLU B 82 17.46 -6.89 11.55
N ILE B 83 18.67 -6.82 10.98
CA ILE B 83 18.95 -6.61 9.54
C ILE B 83 18.19 -7.52 8.55
N SER B 84 17.93 -8.75 8.96
CA SER B 84 17.34 -9.74 8.09
C SER B 84 15.95 -9.35 7.65
N VAL B 85 15.10 -9.01 8.61
CA VAL B 85 13.70 -8.70 8.32
C VAL B 85 13.64 -7.44 7.45
N HIS B 86 14.57 -6.51 7.72
CA HIS B 86 14.63 -5.22 7.07
C HIS B 86 15.10 -5.36 5.62
N VAL B 87 16.18 -6.10 5.40
CA VAL B 87 16.75 -6.19 4.06
C VAL B 87 15.75 -6.89 3.15
N PHE B 88 15.00 -7.82 3.72
CA PHE B 88 14.00 -8.58 3.00
C PHE B 88 12.86 -7.68 2.53
N TYR B 89 12.26 -6.96 3.46
CA TYR B 89 11.17 -6.07 3.06
C TYR B 89 11.60 -4.91 2.17
N ARG B 90 12.87 -4.51 2.23
CA ARG B 90 13.37 -3.49 1.28
C ARG B 90 13.35 -4.05 -0.13
N CYS B 91 13.36 -5.38 -0.25
CA CYS B 91 13.34 -6.03 -1.57
C CYS B 91 11.99 -5.85 -2.23
N GLN B 92 10.95 -5.70 -1.43
CA GLN B 92 9.63 -5.45 -1.95
C GLN B 92 9.41 -3.97 -2.18
N CYS B 93 10.43 -3.22 -1.84
CA CYS B 93 10.77 -1.93 -2.41
C CYS B 93 9.95 -1.48 -3.64
N THR B 94 10.21 -2.06 -4.80
CA THR B 94 9.58 -1.63 -6.04
C THR B 94 8.26 -2.29 -6.38
N THR B 95 7.78 -3.23 -5.58
CA THR B 95 6.51 -3.94 -5.91
C THR B 95 5.33 -3.05 -6.33
N VAL B 96 5.00 -2.05 -5.53
CA VAL B 96 3.80 -1.24 -5.81
C VAL B 96 3.84 -0.56 -7.18
N GLU B 97 4.99 0.03 -7.51
CA GLU B 97 5.15 0.79 -8.73
C GLU B 97 5.16 -0.12 -9.96
N THR B 98 5.89 -1.23 -9.88
CA THR B 98 5.92 -2.17 -10.99
C THR B 98 4.50 -2.67 -11.25
N VAL B 99 3.77 -3.01 -10.20
CA VAL B 99 2.35 -3.33 -10.33
C VAL B 99 1.53 -2.18 -10.91
N ARG B 100 1.74 -0.95 -10.46
CA ARG B 100 1.11 0.23 -11.08
C ARG B 100 1.44 0.37 -12.57
N GLU B 101 2.69 0.09 -12.92
CA GLU B 101 3.18 0.27 -14.27
C GLU B 101 2.78 -0.82 -15.23
N LEU B 102 2.71 -2.04 -14.71
CA LEU B 102 2.18 -3.16 -15.44
C LEU B 102 0.70 -2.98 -15.67
N THR B 103 0.04 -2.28 -14.75
CA THR B 103 -1.36 -1.93 -14.93
C THR B 103 -1.58 -1.02 -16.16
N GLU B 104 -0.66 -0.10 -16.39
CA GLU B 104 -0.81 0.87 -17.49
C GLU B 104 -0.44 0.22 -18.79
N PHE B 105 0.69 -0.51 -18.76
CA PHE B 105 1.14 -1.39 -19.84
C PHE B 105 0.05 -2.29 -20.37
N ALA B 106 -0.76 -2.87 -19.49
CA ALA B 106 -1.81 -3.80 -19.88
C ALA B 106 -2.82 -3.15 -20.81
N LYS B 107 -3.16 -1.90 -20.54
CA LYS B 107 -4.05 -1.14 -21.39
C LYS B 107 -3.65 -1.18 -22.86
N SER B 108 -2.34 -1.21 -23.14
CA SER B 108 -1.83 -1.16 -24.52
C SER B 108 -1.78 -2.52 -25.20
N ILE B 109 -2.11 -3.55 -24.46
CA ILE B 109 -2.25 -4.87 -25.05
C ILE B 109 -3.58 -4.83 -25.80
N PRO B 110 -3.52 -4.90 -27.15
CA PRO B 110 -4.71 -4.80 -28.00
C PRO B 110 -5.83 -5.69 -27.48
N SER B 111 -6.96 -5.06 -27.12
CA SER B 111 -8.21 -5.73 -26.66
C SER B 111 -8.22 -6.20 -25.21
N PHE B 112 -7.18 -5.91 -24.43
CA PHE B 112 -7.24 -6.15 -23.01
C PHE B 112 -8.36 -5.27 -22.46
N SER B 113 -8.30 -3.99 -22.80
CA SER B 113 -9.37 -3.03 -22.52
C SER B 113 -10.77 -3.51 -22.95
N SER B 114 -10.83 -4.46 -23.87
CA SER B 114 -12.12 -4.98 -24.33
C SER B 114 -12.79 -5.90 -23.31
N LEU B 115 -11.98 -6.42 -22.38
CA LEU B 115 -12.44 -7.43 -21.42
C LEU B 115 -13.26 -6.79 -20.33
N PHE B 116 -14.04 -7.62 -19.65
CA PHE B 116 -14.80 -7.14 -18.51
C PHE B 116 -13.90 -6.53 -17.47
N LEU B 117 -14.41 -5.54 -16.76
CA LEU B 117 -13.68 -4.88 -15.69
C LEU B 117 -13.04 -5.87 -14.74
N ASN B 118 -13.82 -6.85 -14.28
CA ASN B 118 -13.34 -7.77 -13.26
C ASN B 118 -12.39 -8.83 -13.83
N ASP B 119 -12.60 -9.20 -15.09
CA ASP B 119 -11.59 -10.00 -15.77
C ASP B 119 -10.22 -9.28 -15.88
N GLN B 120 -10.22 -7.99 -16.19
CA GLN B 120 -9.00 -7.18 -16.20
C GLN B 120 -8.34 -7.21 -14.82
N VAL B 121 -9.15 -7.02 -13.77
CA VAL B 121 -8.65 -7.01 -12.39
C VAL B 121 -8.10 -8.38 -11.97
N THR B 122 -8.67 -9.45 -12.50
CA THR B 122 -8.21 -10.79 -12.17
C THR B 122 -6.86 -11.07 -12.85
N LEU B 123 -6.73 -10.71 -14.13
CA LEU B 123 -5.51 -10.97 -14.88
C LEU B 123 -4.26 -10.34 -14.24
N LEU B 124 -4.35 -9.05 -13.93
CA LEU B 124 -3.30 -8.31 -13.24
C LEU B 124 -3.06 -8.82 -11.82
N LYS B 125 -4.14 -8.99 -11.07
CA LYS B 125 -4.08 -9.52 -9.70
C LYS B 125 -3.27 -10.80 -9.67
N TYR B 126 -3.53 -11.67 -10.64
CA TYR B 126 -3.02 -13.03 -10.63
C TYR B 126 -1.80 -13.21 -11.53
N GLY B 127 -1.35 -12.13 -12.14
CA GLY B 127 -0.28 -12.21 -13.10
C GLY B 127 0.88 -11.27 -12.87
N VAL B 128 0.66 -10.15 -12.20
CA VAL B 128 1.75 -9.18 -12.07
C VAL B 128 2.98 -9.70 -11.36
N HIS B 129 2.78 -10.57 -10.35
CA HIS B 129 3.91 -11.12 -9.61
C HIS B 129 4.75 -12.08 -10.45
N GLU B 130 4.08 -12.94 -11.20
CA GLU B 130 4.76 -13.68 -12.26
C GLU B 130 5.58 -12.76 -13.15
N ALA B 131 4.95 -11.69 -13.63
CA ALA B 131 5.63 -10.77 -14.54
C ALA B 131 6.80 -10.11 -13.83
N ILE B 132 6.58 -9.73 -12.57
CA ILE B 132 7.61 -9.06 -11.81
C ILE B 132 8.81 -9.98 -11.80
N PHE B 133 8.55 -11.22 -11.43
CA PHE B 133 9.55 -12.25 -11.39
C PHE B 133 10.35 -12.44 -12.67
N ALA B 134 9.75 -12.24 -13.85
CA ALA B 134 10.50 -12.44 -15.08
C ALA B 134 11.31 -11.20 -15.35
N MET B 135 10.70 -10.07 -15.03
CA MET B 135 11.30 -8.76 -15.29
C MET B 135 12.47 -8.42 -14.40
N LEU B 136 12.59 -9.09 -13.25
CA LEU B 136 13.71 -8.83 -12.35
C LEU B 136 15.02 -9.48 -12.83
N ALA B 137 14.91 -10.39 -13.78
CA ALA B 137 16.07 -10.99 -14.40
C ALA B 137 16.88 -9.90 -15.11
N SER B 138 16.18 -8.88 -15.60
CA SER B 138 16.82 -7.77 -16.29
C SER B 138 17.88 -7.08 -15.42
N ILE B 139 17.65 -7.08 -14.11
CA ILE B 139 18.51 -6.34 -13.18
C ILE B 139 19.44 -7.25 -12.31
N VAL B 140 19.51 -8.54 -12.67
CA VAL B 140 20.26 -9.52 -11.89
C VAL B 140 21.35 -10.16 -12.73
N ASN B 141 22.54 -10.33 -12.16
CA ASN B 141 23.47 -11.34 -12.69
C ASN B 141 23.98 -12.20 -11.57
N LYS B 142 24.82 -13.18 -11.88
CA LYS B 142 25.29 -14.15 -10.88
C LYS B 142 25.81 -13.54 -9.58
N ASP B 143 26.26 -12.28 -9.62
CA ASP B 143 26.93 -11.66 -8.48
C ASP B 143 25.98 -10.87 -7.61
N GLY B 144 24.88 -10.42 -8.20
CA GLY B 144 23.88 -9.70 -7.43
C GLY B 144 22.87 -8.93 -8.25
N LEU B 145 22.39 -7.83 -7.67
CA LEU B 145 21.18 -7.14 -8.09
C LEU B 145 21.44 -5.64 -8.21
N LEU B 146 21.08 -5.06 -9.35
CA LEU B 146 21.20 -3.63 -9.59
C LEU B 146 19.94 -2.96 -9.04
N VAL B 147 20.12 -2.05 -8.09
CA VAL B 147 19.00 -1.39 -7.40
C VAL B 147 19.06 0.16 -7.42
N ALA B 148 17.98 0.79 -6.95
CA ALA B 148 17.83 2.25 -6.93
C ALA B 148 18.09 2.90 -8.31
N ASN B 149 17.35 2.41 -9.32
CA ASN B 149 17.41 2.92 -10.70
C ASN B 149 18.86 3.03 -11.27
N GLY B 150 19.70 2.07 -10.87
CA GLY B 150 21.03 1.91 -11.42
C GLY B 150 22.21 2.32 -10.56
N SER B 151 21.94 2.71 -9.31
CA SER B 151 22.88 3.50 -8.52
C SER B 151 23.54 2.77 -7.32
N GLY B 152 22.94 1.66 -6.93
CA GLY B 152 23.51 0.82 -5.90
C GLY B 152 23.45 -0.56 -6.45
N PHE B 153 24.16 -1.48 -5.79
CA PHE B 153 24.22 -2.89 -6.18
C PHE B 153 24.25 -3.74 -4.91
N VAL B 154 23.35 -4.72 -4.80
CA VAL B 154 23.33 -5.56 -3.59
C VAL B 154 23.86 -6.92 -3.94
N THR B 155 24.96 -7.34 -3.33
CA THR B 155 25.58 -8.60 -3.75
C THR B 155 24.75 -9.84 -3.40
N ARG B 156 24.75 -10.79 -4.33
CA ARG B 156 24.09 -12.08 -4.11
C ARG B 156 24.53 -12.60 -2.75
N GLU B 157 25.84 -12.56 -2.49
CA GLU B 157 26.39 -13.06 -1.22
C GLU B 157 25.80 -12.41 0.03
N PHE B 158 25.60 -11.11 0.00
CA PHE B 158 25.05 -10.45 1.18
C PHE B 158 23.65 -10.97 1.47
N LEU B 159 22.85 -11.12 0.42
CA LEU B 159 21.45 -11.56 0.59
C LEU B 159 21.38 -13.00 1.07
N ARG B 160 22.35 -13.81 0.64
CA ARG B 160 22.56 -15.15 1.19
C ARG B 160 23.01 -15.12 2.66
N SER B 161 23.70 -14.05 3.06
CA SER B 161 24.22 -13.91 4.43
C SER B 161 23.15 -13.40 5.40
N LEU B 162 21.92 -13.89 5.21
CA LEU B 162 20.76 -13.48 5.99
C LEU B 162 20.07 -14.69 6.61
N ARG B 163 19.64 -14.50 7.87
CA ARG B 163 18.88 -15.48 8.64
C ARG B 163 17.76 -16.09 7.80
N LYS B 164 17.86 -17.38 7.49
CA LYS B 164 16.75 -18.06 6.83
C LYS B 164 15.51 -17.89 7.73
N PRO B 165 14.27 -17.89 7.17
CA PRO B 165 13.81 -18.33 5.83
C PRO B 165 14.08 -17.33 4.72
N PHE B 166 14.37 -16.09 5.11
CA PHE B 166 14.60 -14.98 4.20
C PHE B 166 15.54 -15.30 3.04
N SER B 167 16.79 -15.66 3.33
CA SER B 167 17.77 -16.03 2.28
C SER B 167 17.20 -17.09 1.35
N ASP B 168 16.66 -18.14 1.95
CA ASP B 168 16.15 -19.23 1.15
C ASP B 168 14.95 -18.83 0.31
N ILE B 169 14.18 -17.86 0.80
CA ILE B 169 13.07 -17.37 0.00
C ILE B 169 13.52 -16.42 -1.12
N ILE B 170 14.59 -15.65 -0.92
CA ILE B 170 15.10 -14.85 -2.06
C ILE B 170 15.77 -15.73 -3.11
N GLU B 171 16.42 -16.82 -2.69
CA GLU B 171 17.33 -17.61 -3.55
C GLU B 171 16.79 -18.02 -4.93
N PRO B 172 15.56 -18.59 -4.99
CA PRO B 172 15.01 -18.90 -6.31
C PRO B 172 15.04 -17.79 -7.36
N LYS B 173 14.91 -16.52 -6.98
CA LYS B 173 14.87 -15.43 -7.95
C LYS B 173 16.13 -15.43 -8.79
N PHE B 174 17.27 -15.58 -8.10
CA PHE B 174 18.58 -15.75 -8.72
C PHE B 174 18.71 -17.04 -9.51
N GLU B 175 18.25 -18.16 -8.95
CA GLU B 175 18.36 -19.44 -9.65
C GLU B 175 17.81 -19.22 -11.02
N PHE B 176 16.66 -18.56 -11.02
CA PHE B 176 15.82 -18.38 -12.20
C PHE B 176 16.47 -17.42 -13.19
N ALA B 177 16.90 -16.28 -12.68
CA ALA B 177 17.43 -15.19 -13.48
C ALA B 177 18.71 -15.57 -14.21
N VAL B 178 19.56 -16.36 -13.57
CA VAL B 178 20.75 -16.80 -14.29
C VAL B 178 20.38 -17.72 -15.46
N LYS B 179 19.40 -18.61 -15.26
CA LYS B 179 18.98 -19.49 -16.32
C LYS B 179 18.30 -18.70 -17.41
N PHE B 180 17.30 -17.90 -17.03
CA PHE B 180 16.58 -17.00 -17.92
C PHE B 180 17.52 -16.06 -18.71
N ASN B 181 18.43 -15.38 -18.04
CA ASN B 181 19.39 -14.53 -18.75
C ASN B 181 20.25 -15.24 -19.79
N ALA B 182 20.34 -16.56 -19.69
CA ALA B 182 21.19 -17.32 -20.62
C ALA B 182 20.55 -17.35 -21.99
N LEU B 183 19.22 -17.34 -22.02
CA LEU B 183 18.45 -17.32 -23.26
C LEU B 183 18.63 -16.03 -24.03
N GLU B 184 19.13 -15.01 -23.34
CA GLU B 184 19.59 -13.76 -23.97
C GLU B 184 18.50 -12.93 -24.63
N LEU B 185 17.38 -12.78 -23.94
CA LEU B 185 16.27 -11.98 -24.42
C LEU B 185 16.61 -10.49 -24.33
N ASP B 186 15.91 -9.68 -25.11
CA ASP B 186 16.08 -8.24 -25.14
C ASP B 186 14.72 -7.66 -24.78
N ASP B 187 14.64 -6.33 -24.70
CA ASP B 187 13.42 -5.70 -24.19
C ASP B 187 12.17 -6.01 -25.08
N SER B 188 12.38 -6.00 -26.40
CA SER B 188 11.31 -6.32 -27.36
C SER B 188 10.78 -7.75 -27.26
N ASP B 189 11.66 -8.71 -26.95
CA ASP B 189 11.24 -10.05 -26.58
C ASP B 189 10.40 -9.97 -25.26
N LEU B 190 10.97 -9.33 -24.25
CA LEU B 190 10.37 -9.30 -22.91
C LEU B 190 8.97 -8.65 -22.80
N ALA B 191 8.72 -7.66 -23.64
CA ALA B 191 7.43 -7.02 -23.74
C ALA B 191 6.36 -8.04 -24.04
N LEU B 192 6.58 -8.81 -25.11
CA LEU B 192 5.64 -9.80 -25.57
C LEU B 192 5.56 -10.93 -24.58
N PHE B 193 6.70 -11.28 -24.01
CA PHE B 193 6.71 -12.25 -22.96
C PHE B 193 5.78 -11.83 -21.78
N ILE B 194 5.84 -10.57 -21.34
CA ILE B 194 5.02 -10.19 -20.17
C ILE B 194 3.55 -10.01 -20.52
N ALA B 195 3.31 -9.48 -21.71
CA ALA B 195 1.98 -9.46 -22.31
C ALA B 195 1.30 -10.82 -22.20
N ALA B 196 2.03 -11.87 -22.56
CA ALA B 196 1.49 -13.22 -22.60
C ALA B 196 1.22 -13.72 -21.18
N ILE B 197 2.11 -13.38 -20.23
CA ILE B 197 1.89 -13.76 -18.82
C ILE B 197 0.57 -13.15 -18.32
N ILE B 198 0.31 -11.88 -18.62
CA ILE B 198 -0.90 -11.26 -18.15
C ILE B 198 -2.14 -11.93 -18.73
N LEU B 199 -2.14 -12.15 -20.05
CA LEU B 199 -3.30 -12.79 -20.69
C LEU B 199 -3.33 -14.31 -20.65
N CYS B 200 -3.20 -14.87 -19.46
CA CYS B 200 -3.31 -16.31 -19.28
C CYS B 200 -4.73 -16.64 -18.84
N GLY B 201 -5.36 -17.57 -19.56
CA GLY B 201 -6.77 -17.94 -19.31
C GLY B 201 -7.03 -18.88 -18.14
N ASP B 202 -5.97 -19.20 -17.41
CA ASP B 202 -6.00 -20.16 -16.32
C ASP B 202 -6.18 -19.50 -14.96
N ARG B 203 -6.43 -18.19 -14.99
CA ARG B 203 -6.66 -17.43 -13.77
C ARG B 203 -8.03 -17.73 -13.16
N PRO B 204 -8.07 -17.93 -11.83
CA PRO B 204 -9.33 -18.21 -11.13
C PRO B 204 -10.27 -17.00 -11.09
N GLY B 205 -11.54 -17.23 -11.32
CA GLY B 205 -12.52 -16.15 -11.18
C GLY B 205 -12.89 -15.56 -12.53
N LEU B 206 -12.19 -15.99 -13.58
CA LEU B 206 -12.30 -15.39 -14.89
C LEU B 206 -13.68 -15.67 -15.50
N MET B 207 -14.27 -14.64 -16.11
CA MET B 207 -15.64 -14.69 -16.56
C MET B 207 -15.76 -14.97 -18.05
N ASN B 208 -14.71 -14.70 -18.81
CA ASN B 208 -14.71 -14.97 -20.24
C ASN B 208 -13.43 -15.68 -20.68
N VAL B 209 -13.24 -16.90 -20.20
CA VAL B 209 -12.01 -17.63 -20.50
C VAL B 209 -11.73 -17.67 -21.99
N PRO B 210 -12.74 -18.01 -22.84
CA PRO B 210 -12.49 -17.94 -24.31
C PRO B 210 -11.87 -16.64 -24.85
N ARG B 211 -12.47 -15.50 -24.54
CA ARG B 211 -11.93 -14.22 -25.04
C ARG B 211 -10.46 -13.96 -24.64
N VAL B 212 -10.13 -14.18 -23.35
CA VAL B 212 -8.76 -14.08 -22.84
C VAL B 212 -7.82 -15.00 -23.64
N GLU B 213 -8.18 -16.27 -23.73
CA GLU B 213 -7.36 -17.24 -24.40
C GLU B 213 -7.15 -16.80 -25.85
N ALA B 214 -8.23 -16.33 -26.48
CA ALA B 214 -8.17 -15.84 -27.85
C ALA B 214 -7.08 -14.75 -28.00
N ILE B 215 -7.00 -13.85 -27.02
CA ILE B 215 -6.01 -12.78 -27.03
C ILE B 215 -4.58 -13.32 -26.72
N GLN B 216 -4.50 -14.30 -25.84
CA GLN B 216 -3.22 -14.91 -25.56
C GLN B 216 -2.64 -15.53 -26.83
N ASP B 217 -3.53 -16.12 -27.64
CA ASP B 217 -3.16 -16.67 -28.93
C ASP B 217 -2.52 -15.61 -29.85
N THR B 218 -3.09 -14.43 -29.91
CA THR B 218 -2.48 -13.40 -30.72
C THR B 218 -1.07 -13.10 -30.27
N ILE B 219 -0.91 -12.87 -28.96
CA ILE B 219 0.35 -12.42 -28.37
C ILE B 219 1.42 -13.46 -28.65
N LEU B 220 1.02 -14.72 -28.53
CA LEU B 220 1.89 -15.85 -28.81
C LEU B 220 2.23 -15.98 -30.27
N ARG B 221 1.32 -15.64 -31.18
CA ARG B 221 1.70 -15.62 -32.58
C ARG B 221 2.74 -14.54 -32.77
N ALA B 222 2.48 -13.37 -32.21
CA ALA B 222 3.40 -12.23 -32.35
C ALA B 222 4.80 -12.60 -31.87
N LEU B 223 4.85 -13.26 -30.72
CA LEU B 223 6.10 -13.62 -30.10
C LEU B 223 6.81 -14.71 -30.90
N GLU B 224 6.09 -15.74 -31.35
CA GLU B 224 6.72 -16.85 -32.08
C GLU B 224 7.45 -16.29 -33.28
N PHE B 225 6.80 -15.29 -33.87
CA PHE B 225 7.27 -14.60 -35.05
C PHE B 225 8.45 -13.67 -34.73
N HIS B 226 8.36 -12.93 -33.63
CA HIS B 226 9.38 -11.95 -33.30
C HIS B 226 10.73 -12.58 -32.95
N LEU B 227 10.68 -13.72 -32.28
CA LEU B 227 11.86 -14.46 -31.90
C LEU B 227 12.58 -14.96 -33.14
N GLN B 228 11.85 -15.53 -34.09
CA GLN B 228 12.47 -16.04 -35.30
C GLN B 228 13.16 -14.90 -36.03
N ALA B 229 12.47 -13.78 -36.20
CA ALA B 229 13.11 -12.60 -36.76
C ALA B 229 14.34 -12.20 -35.91
N ASN B 230 14.11 -11.91 -34.64
CA ASN B 230 15.10 -11.28 -33.79
C ASN B 230 16.21 -12.23 -33.25
N HIS B 231 15.99 -13.54 -33.40
CA HIS B 231 16.94 -14.58 -32.95
C HIS B 231 16.91 -15.75 -33.95
N PRO B 232 17.44 -15.55 -35.17
CA PRO B 232 17.12 -16.55 -36.19
C PRO B 232 17.81 -17.89 -35.94
N ASP B 233 18.96 -17.86 -35.26
CA ASP B 233 19.78 -19.04 -35.05
C ASP B 233 19.50 -19.82 -33.76
N ALA B 234 18.48 -19.39 -33.01
CA ALA B 234 18.01 -20.18 -31.86
C ALA B 234 16.67 -20.83 -32.18
N GLN B 235 16.72 -22.09 -32.59
CA GLN B 235 15.55 -22.82 -33.12
C GLN B 235 14.44 -23.07 -32.09
N TYR B 236 14.83 -23.28 -30.81
CA TYR B 236 13.85 -23.73 -29.83
C TYR B 236 13.53 -22.69 -28.75
N LEU B 237 13.95 -21.45 -28.98
CA LEU B 237 13.79 -20.36 -27.99
C LEU B 237 12.33 -20.20 -27.55
N PHE B 238 11.41 -20.48 -28.46
CA PHE B 238 9.98 -20.32 -28.21
C PHE B 238 9.34 -21.42 -27.34
N PRO B 239 9.54 -22.72 -27.66
CA PRO B 239 9.04 -23.68 -26.69
C PRO B 239 9.69 -23.56 -25.28
N LYS B 240 10.91 -23.05 -25.23
CA LYS B 240 11.59 -22.79 -23.95
C LYS B 240 10.89 -21.66 -23.17
N LEU B 241 10.46 -20.61 -23.90
CA LEU B 241 9.77 -19.53 -23.26
C LEU B 241 8.39 -19.94 -22.78
N LEU B 242 7.72 -20.83 -23.51
CA LEU B 242 6.43 -21.29 -23.01
C LEU B 242 6.62 -22.07 -21.73
N GLN B 243 7.74 -22.79 -21.62
CA GLN B 243 8.00 -23.58 -20.42
C GLN B 243 8.37 -22.69 -19.23
N LYS B 244 9.14 -21.64 -19.51
CA LYS B 244 9.60 -20.70 -18.52
C LYS B 244 8.42 -20.06 -17.82
N MET B 245 7.35 -19.87 -18.59
CA MET B 245 6.06 -19.42 -18.07
C MET B 245 5.45 -20.38 -17.07
N ALA B 246 5.40 -21.67 -17.41
CA ALA B 246 4.92 -22.66 -16.48
C ALA B 246 5.78 -22.63 -15.21
N ASP B 247 7.11 -22.56 -15.38
CA ASP B 247 8.07 -22.45 -14.28
C ASP B 247 7.73 -21.31 -13.33
N LEU B 248 7.42 -20.14 -13.91
CA LEU B 248 7.15 -18.93 -13.12
C LEU B 248 5.88 -19.08 -12.29
N ARG B 249 4.83 -19.60 -12.89
CA ARG B 249 3.58 -19.86 -12.21
C ARG B 249 3.85 -20.63 -10.94
N GLN B 250 4.78 -21.57 -11.03
CA GLN B 250 5.15 -22.47 -9.94
C GLN B 250 6.07 -21.77 -8.93
N LEU B 251 6.98 -20.94 -9.43
CA LEU B 251 7.87 -20.15 -8.58
C LEU B 251 7.12 -19.13 -7.71
N VAL B 252 6.04 -18.58 -8.25
CA VAL B 252 5.31 -17.54 -7.53
C VAL B 252 4.51 -18.13 -6.40
N THR B 253 3.89 -19.28 -6.69
CA THR B 253 3.12 -20.11 -5.75
C THR B 253 3.98 -20.60 -4.59
N GLU B 254 5.14 -21.19 -4.92
CA GLU B 254 6.13 -21.56 -3.92
C GLU B 254 6.54 -20.36 -3.05
N HIS B 255 6.77 -19.22 -3.70
CA HIS B 255 7.07 -18.00 -2.97
C HIS B 255 5.97 -17.66 -1.94
N ALA B 256 4.70 -17.90 -2.30
CA ALA B 256 3.57 -17.66 -1.36
C ALA B 256 3.57 -18.65 -0.19
N GLN B 257 4.00 -19.87 -0.46
CA GLN B 257 3.97 -20.89 0.58
C GLN B 257 4.96 -20.51 1.65
N MET B 258 6.18 -20.21 1.22
CA MET B 258 7.26 -19.75 2.07
C MET B 258 6.87 -18.50 2.88
N MET B 259 6.10 -17.59 2.28
CA MET B 259 5.57 -16.40 2.97
C MET B 259 4.64 -16.75 4.13
N GLN B 260 3.80 -17.77 3.92
CA GLN B 260 2.85 -18.24 4.94
C GLN B 260 3.53 -18.59 6.25
N ARG B 261 4.66 -19.29 6.19
CA ARG B 261 5.44 -19.66 7.38
C ARG B 261 6.01 -18.43 8.14
N ILE B 262 6.54 -17.47 7.38
CA ILE B 262 7.11 -16.22 7.91
C ILE B 262 6.11 -15.40 8.76
N LYS B 263 4.88 -15.22 8.23
CA LYS B 263 3.83 -14.36 8.85
C LYS B 263 3.13 -15.04 10.02
N LYS B 264 3.95 -15.65 10.88
CA LYS B 264 3.59 -16.08 12.23
C LYS B 264 4.59 -15.38 13.18
N THR B 265 5.18 -14.27 12.73
CA THR B 265 6.25 -13.57 13.45
C THR B 265 6.09 -12.04 13.31
F25 1FA C . 1.48 18.97 23.13
C24 1FA C . 1.99 19.07 21.94
F27 1FA C . 3.21 18.55 21.88
F26 1FA C . 2.09 20.38 21.75
C21 1FA C . 1.06 18.31 21.02
C22 1FA C . 0.00 18.94 20.36
C23 1FA C . -0.85 18.22 19.54
C20 1FA C . 1.23 16.93 20.86
C19 1FA C . 0.36 16.19 20.03
C18 1FA C . -0.69 16.84 19.36
C17 1FA C . -1.49 16.18 18.60
C16 1FA C . -2.18 15.52 17.87
C3 1FA C . -2.88 14.68 17.18
C4 1FA C . -3.29 15.03 15.88
N2 1FA C . -3.20 13.45 17.68
C1 1FA C . -3.91 12.55 16.94
C7 1FA C . -4.22 11.38 17.39
C8 1FA C . -4.51 10.31 17.81
C9 1FA C . -4.78 9.15 18.34
N10 1FA C . -5.82 8.35 17.66
C11 1FA C . -7.22 8.50 18.04
C12 1FA C . -7.64 7.13 18.55
O13 1FA C . -7.22 6.05 17.67
C14 1FA C . -5.81 6.04 17.34
C15 1FA C . -5.43 7.35 16.67
C6 1FA C . -4.35 12.87 15.65
C5 1FA C . -4.05 14.12 15.12
S28 1FA C . -4.56 14.47 13.55
C29 1FA C . -3.54 15.69 12.97
C30 1FA C . -2.38 15.42 12.24
C31 1FA C . -1.52 16.44 11.81
C34 1FA C . -3.87 17.10 13.30
C35 1FA C . -5.03 17.64 14.09
C36 1FA C . -4.91 19.12 13.69
C37 1FA C . -3.47 19.50 13.29
C33 1FA C . -2.98 18.16 12.85
C32 1FA C . -1.77 17.81 12.06
O38 1FA C . -0.91 18.81 11.65
C39 1FA C . -0.75 19.22 10.29
C40 1FA C . -0.19 18.04 9.53
O42 1FA C . -0.94 17.36 8.79
O41 1FA C . 1.02 17.81 9.74
F25 1FA D . 19.73 -2.32 0.21
C24 1FA D . 18.90 -3.32 0.45
F27 1FA D . 18.15 -3.12 1.55
F26 1FA D . 19.64 -4.37 0.66
C21 1FA D . 18.04 -3.52 -0.78
C22 1FA D . 17.88 -4.79 -1.33
C23 1FA D . 17.09 -4.97 -2.47
C20 1FA D . 17.41 -2.43 -1.39
C19 1FA D . 16.61 -2.61 -2.53
C18 1FA D . 16.45 -3.88 -3.08
C17 1FA D . 15.73 -4.08 -4.14
C16 1FA D . 14.98 -4.36 -5.03
C3 1FA D . 14.32 -4.68 -6.09
C4 1FA D . 13.67 -5.92 -6.17
N2 1FA D . 14.27 -3.83 -7.14
C1 1FA D . 13.59 -4.16 -8.27
C7 1FA D . 13.52 -3.36 -9.27
C8 1FA D . 13.43 -2.64 -10.21
C9 1FA D . 13.36 -1.85 -11.22
N10 1FA D . 12.69 -2.46 -12.38
C11 1FA D . 11.22 -2.44 -12.46
C12 1FA D . 10.79 -3.86 -12.79
O13 1FA D . 11.53 -4.30 -13.93
C14 1FA D . 12.92 -4.44 -13.66
C15 1FA D . 13.51 -3.05 -13.44
C6 1FA D . 12.93 -5.38 -8.38
C5 1FA D . 12.97 -6.27 -7.33
S28 1FA D . 12.15 -7.75 -7.51
C29 1FA D . 12.45 -8.65 -6.09
C30 1FA D . 11.46 -8.85 -5.16
C31 1FA D . 11.68 -9.57 -3.97
C34 1FA D . 13.79 -9.19 -5.81
C35 1FA D . 15.05 -9.11 -6.63
C36 1FA D . 15.90 -10.26 -5.99
C37 1FA D . 15.44 -10.40 -4.50
C33 1FA D . 14.02 -9.91 -4.59
C32 1FA D . 12.93 -10.12 -3.63
O38 1FA D . 13.19 -10.82 -2.48
C39 1FA D . 12.27 -10.89 -1.37
C40 1FA D . 11.14 -11.83 -1.70
O42 1FA D . 11.41 -12.78 -2.49
O41 1FA D . 10.00 -11.62 -1.20
#